data_7W0S
#
_entry.id   7W0S
#
_cell.length_a   79.131
_cell.length_b   53.479
_cell.length_c   80.873
_cell.angle_alpha   90.000
_cell.angle_beta   118.840
_cell.angle_gamma   90.000
#
_symmetry.space_group_name_H-M   'P 1 21 1'
#
loop_
_entity.id
_entity.type
_entity.pdbx_description
1 polymer 'E3 ubiquitin-protein ligase TRIM7'
2 polymer peptide
3 non-polymer 'NITRATE ION'
4 non-polymer GLYCEROL
5 non-polymer DI(HYDROXYETHYL)ETHER
6 water water
#
loop_
_entity_poly.entity_id
_entity_poly.type
_entity_poly.pdbx_seq_one_letter_code
_entity_poly.pdbx_strand_id
1 'polypeptide(L)'
;KEEKVELTLDPDTANPRLILSLDLKGVRLGERAQDLPNHPCRFDTNTRVLASCGFSSGRHHWEVEVGSKDGWAFGVARES
VRRKGLTPFTPEEGVWALQLNGGQYWAVTSPERSPLSCGHLSRVRVALDLEVGAVSFYAVEDMRHLYTFRVNFQERVFPL
FSVCSTGTYLRIWP
;
B,C,E
2 'polypeptide(L)' VGTTLEALFQ A,D,F
#
loop_
_chem_comp.id
_chem_comp.type
_chem_comp.name
_chem_comp.formula
GOL non-polymer GLYCEROL 'C3 H8 O3'
NO3 non-polymer 'NITRATE ION' 'N O3 -1'
PEG non-polymer DI(HYDROXYETHYL)ETHER 'C4 H10 O3'
#
# COMPACT_ATOMS: atom_id res chain seq x y z
N GLU A 6 6.03 -19.46 -16.20
CA GLU A 6 5.76 -18.61 -15.04
C GLU A 6 4.76 -19.28 -14.09
N LEU A 7 4.61 -18.71 -12.90
CA LEU A 7 3.73 -19.28 -11.90
C LEU A 7 2.29 -18.85 -12.13
N THR A 8 1.36 -19.76 -11.87
CA THR A 8 -0.06 -19.46 -11.86
C THR A 8 -0.71 -20.10 -10.64
N LEU A 9 -1.76 -19.46 -10.13
CA LEU A 9 -2.51 -19.99 -9.00
C LEU A 9 -3.30 -21.21 -9.43
N ASP A 10 -3.41 -22.18 -8.51
CA ASP A 10 -4.03 -23.46 -8.80
C ASP A 10 -5.46 -23.48 -8.27
N PRO A 11 -6.46 -23.37 -9.14
CA PRO A 11 -7.85 -23.22 -8.65
C PRO A 11 -8.32 -24.35 -7.75
N ASP A 12 -7.86 -25.57 -7.97
CA ASP A 12 -8.36 -26.70 -7.19
C ASP A 12 -7.82 -26.70 -5.76
N THR A 13 -6.79 -25.90 -5.47
CA THR A 13 -6.35 -25.73 -4.09
C THR A 13 -7.09 -24.65 -3.36
N ALA A 14 -7.70 -23.70 -4.08
CA ALA A 14 -8.11 -22.45 -3.46
C ALA A 14 -9.34 -22.60 -2.59
N ASN A 15 -9.31 -21.99 -1.41
CA ASN A 15 -10.50 -21.87 -0.59
C ASN A 15 -11.62 -21.31 -1.45
N PRO A 16 -12.84 -21.83 -1.33
CA PRO A 16 -13.91 -21.41 -2.25
C PRO A 16 -14.36 -19.97 -2.09
N ARG A 17 -13.97 -19.27 -1.03
CA ARG A 17 -14.28 -17.86 -0.92
C ARG A 17 -13.33 -16.99 -1.71
N LEU A 18 -12.15 -17.49 -2.06
CA LEU A 18 -11.21 -16.70 -2.83
C LEU A 18 -11.71 -16.57 -4.27
N ILE A 19 -11.35 -15.46 -4.91
CA ILE A 19 -11.59 -15.24 -6.32
C ILE A 19 -10.24 -15.13 -7.01
N LEU A 20 -9.99 -15.99 -7.99
CA LEU A 20 -8.77 -15.96 -8.78
C LEU A 20 -9.04 -15.25 -10.10
N SER A 21 -8.13 -14.40 -10.54
CA SER A 21 -8.30 -13.69 -11.80
C SER A 21 -8.27 -14.66 -12.98
N LEU A 22 -8.74 -14.18 -14.13
CA LEU A 22 -8.80 -15.04 -15.30
C LEU A 22 -7.43 -15.59 -15.67
N ASP A 23 -6.39 -14.74 -15.60
CA ASP A 23 -5.04 -15.17 -15.94
C ASP A 23 -4.36 -15.92 -14.80
N LEU A 24 -5.07 -16.16 -13.69
CA LEU A 24 -4.56 -16.99 -12.59
C LEU A 24 -3.34 -16.36 -11.95
N LYS A 25 -3.19 -15.05 -12.04
CA LYS A 25 -2.11 -14.36 -11.36
C LYS A 25 -2.55 -13.67 -10.10
N GLY A 26 -3.82 -13.29 -10.02
CA GLY A 26 -4.32 -12.47 -8.94
C GLY A 26 -5.31 -13.19 -8.07
N VAL A 27 -5.34 -12.81 -6.80
CA VAL A 27 -6.29 -13.36 -5.83
C VAL A 27 -6.78 -12.28 -4.88
N ARG A 28 -8.07 -12.35 -4.58
CA ARG A 28 -8.70 -11.55 -3.54
C ARG A 28 -9.74 -12.41 -2.82
N LEU A 29 -10.27 -11.92 -1.71
CA LEU A 29 -11.37 -12.59 -1.03
C LEU A 29 -12.70 -12.07 -1.57
N GLY A 30 -13.58 -13.00 -1.92
CA GLY A 30 -14.91 -12.68 -2.41
C GLY A 30 -15.93 -12.57 -1.30
N GLU A 31 -17.19 -12.45 -1.73
CA GLU A 31 -18.29 -12.17 -0.83
C GLU A 31 -18.87 -13.42 -0.20
N ARG A 32 -18.73 -14.56 -0.86
CA ARG A 32 -19.30 -15.79 -0.34
C ARG A 32 -18.55 -16.97 -0.93
N ALA A 33 -18.82 -18.15 -0.39
CA ALA A 33 -18.18 -19.35 -0.90
C ALA A 33 -18.76 -19.75 -2.23
N GLN A 34 -17.91 -19.91 -3.23
CA GLN A 34 -18.33 -20.47 -4.50
C GLN A 34 -18.68 -21.94 -4.30
N ASP A 35 -19.57 -22.44 -5.15
CA ASP A 35 -19.95 -23.86 -5.15
C ASP A 35 -18.94 -24.60 -6.02
N LEU A 36 -17.88 -25.09 -5.38
CA LEU A 36 -16.81 -25.75 -6.09
C LEU A 36 -16.69 -27.20 -5.61
N PRO A 37 -16.19 -28.09 -6.45
CA PRO A 37 -16.04 -29.49 -6.05
C PRO A 37 -15.16 -29.65 -4.81
N ASN A 38 -15.59 -30.51 -3.92
CA ASN A 38 -14.70 -31.00 -2.87
C ASN A 38 -13.51 -31.66 -3.55
N HIS A 39 -12.30 -31.27 -3.14
CA HIS A 39 -11.08 -31.87 -3.66
C HIS A 39 -10.22 -32.00 -2.41
N PRO A 40 -9.56 -33.14 -2.19
CA PRO A 40 -8.74 -33.28 -0.97
C PRO A 40 -7.64 -32.25 -0.86
N CYS A 41 -7.18 -31.67 -1.97
CA CYS A 41 -6.15 -30.64 -1.95
C CYS A 41 -6.69 -29.24 -1.71
N ARG A 42 -8.00 -29.08 -1.61
CA ARG A 42 -8.56 -27.75 -1.44
C ARG A 42 -8.54 -27.32 0.03
N PHE A 43 -8.00 -26.13 0.30
CA PHE A 43 -8.10 -25.52 1.62
C PHE A 43 -9.57 -25.19 1.90
N ASP A 44 -10.19 -25.87 2.86
CA ASP A 44 -11.64 -25.73 3.04
C ASP A 44 -12.04 -24.73 4.11
N THR A 45 -11.07 -24.21 4.87
CA THR A 45 -11.36 -23.30 5.98
C THR A 45 -10.43 -22.09 5.94
N ASN A 46 -9.13 -22.33 5.96
CA ASN A 46 -8.18 -21.24 5.83
C ASN A 46 -8.19 -20.72 4.39
N THR A 47 -8.01 -19.41 4.25
CA THR A 47 -8.21 -18.67 3.01
C THR A 47 -6.96 -18.69 2.12
N ARG A 48 -6.53 -19.90 1.76
CA ARG A 48 -5.25 -20.12 1.09
C ARG A 48 -5.43 -20.68 -0.31
N VAL A 49 -4.39 -20.49 -1.12
CA VAL A 49 -4.27 -21.04 -2.46
C VAL A 49 -2.78 -21.21 -2.73
N LEU A 50 -2.42 -22.27 -3.44
CA LEU A 50 -1.05 -22.52 -3.86
C LEU A 50 -0.93 -22.26 -5.36
N ALA A 51 0.31 -22.00 -5.80
CA ALA A 51 0.59 -22.10 -7.22
C ALA A 51 0.49 -23.55 -7.68
N SER A 52 0.35 -23.74 -8.99
CA SER A 52 0.22 -25.09 -9.56
C SER A 52 1.56 -25.79 -9.67
N CYS A 53 2.67 -25.06 -9.57
CA CYS A 53 4.00 -25.64 -9.67
C CYS A 53 4.68 -25.59 -8.32
N GLY A 54 5.30 -26.72 -7.93
CA GLY A 54 6.09 -26.79 -6.73
C GLY A 54 7.51 -27.19 -7.10
N PHE A 55 8.40 -27.05 -6.13
CA PHE A 55 9.84 -27.15 -6.35
C PHE A 55 10.42 -28.12 -5.34
N SER A 56 11.29 -29.02 -5.81
CA SER A 56 11.98 -29.93 -4.92
C SER A 56 13.49 -29.71 -4.92
N SER A 57 14.02 -28.95 -5.88
CA SER A 57 15.44 -28.63 -5.90
C SER A 57 15.61 -27.27 -6.54
N GLY A 58 16.82 -26.75 -6.44
CA GLY A 58 17.18 -25.55 -7.17
C GLY A 58 16.81 -24.25 -6.47
N ARG A 59 17.02 -23.16 -7.21
CA ARG A 59 16.74 -21.81 -6.76
C ARG A 59 15.70 -21.20 -7.68
N HIS A 60 14.75 -20.47 -7.10
CA HIS A 60 13.59 -19.98 -7.82
C HIS A 60 13.19 -18.63 -7.31
N HIS A 61 12.86 -17.72 -8.24
CA HIS A 61 12.38 -16.40 -7.89
C HIS A 61 10.99 -16.16 -8.46
N TRP A 62 10.20 -15.39 -7.73
CA TRP A 62 8.99 -14.78 -8.26
C TRP A 62 8.73 -13.50 -7.49
N GLU A 63 7.78 -12.69 -7.96
CA GLU A 63 7.44 -11.45 -7.30
C GLU A 63 5.94 -11.41 -7.04
N VAL A 64 5.58 -10.70 -5.98
CA VAL A 64 4.21 -10.60 -5.52
C VAL A 64 3.92 -9.13 -5.29
N GLU A 65 2.98 -8.58 -6.07
CA GLU A 65 2.42 -7.26 -5.83
C GLU A 65 1.38 -7.39 -4.73
N VAL A 66 1.41 -6.46 -3.77
CA VAL A 66 0.65 -6.57 -2.54
C VAL A 66 -0.25 -5.35 -2.38
N GLY A 67 -1.46 -5.59 -1.89
CA GLY A 67 -2.33 -4.48 -1.56
C GLY A 67 -1.87 -3.72 -0.35
N SER A 68 -2.31 -2.47 -0.24
N SER A 68 -2.32 -2.48 -0.27
CA SER A 68 -1.91 -1.69 0.91
CA SER A 68 -1.97 -1.63 0.86
C SER A 68 -2.81 -1.93 2.12
C SER A 68 -2.83 -1.89 2.08
N LYS A 69 -4.00 -2.51 1.91
CA LYS A 69 -4.92 -2.76 3.02
C LYS A 69 -4.69 -4.14 3.63
N ASP A 70 -5.07 -4.24 4.91
CA ASP A 70 -4.79 -5.44 5.70
C ASP A 70 -5.45 -6.68 5.10
N GLY A 71 -4.82 -7.82 5.35
CA GLY A 71 -5.50 -9.08 5.14
C GLY A 71 -4.80 -10.13 4.30
N TRP A 72 -3.56 -9.90 3.92
CA TRP A 72 -2.85 -10.89 3.12
C TRP A 72 -1.67 -11.50 3.87
N ALA A 73 -1.26 -12.65 3.35
CA ALA A 73 -0.03 -13.31 3.73
C ALA A 73 0.45 -14.12 2.55
N PHE A 74 1.75 -14.21 2.36
CA PHE A 74 2.26 -15.00 1.25
C PHE A 74 3.68 -15.48 1.55
N GLY A 75 4.06 -16.55 0.85
CA GLY A 75 5.40 -17.06 0.96
C GLY A 75 5.45 -18.43 0.32
N VAL A 76 5.84 -19.45 1.10
CA VAL A 76 5.90 -20.81 0.62
C VAL A 76 5.29 -21.75 1.65
N ALA A 77 4.82 -22.88 1.19
CA ALA A 77 4.32 -23.94 2.04
C ALA A 77 4.89 -25.27 1.58
N ARG A 78 5.18 -26.15 2.53
CA ARG A 78 5.47 -27.53 2.16
C ARG A 78 4.21 -28.21 1.62
N GLU A 79 4.39 -29.14 0.68
CA GLU A 79 3.24 -29.76 0.04
C GLU A 79 2.29 -30.39 1.04
N SER A 80 2.84 -30.97 2.11
CA SER A 80 2.06 -31.65 3.13
C SER A 80 1.31 -30.70 4.07
N VAL A 81 1.36 -29.39 3.83
CA VAL A 81 0.56 -28.47 4.62
C VAL A 81 -0.88 -28.98 4.72
N ARG A 82 -1.45 -28.94 5.92
CA ARG A 82 -2.79 -29.48 6.12
C ARG A 82 -3.85 -28.58 5.49
N ARG A 83 -4.75 -29.21 4.72
CA ARG A 83 -5.74 -28.49 3.92
C ARG A 83 -7.13 -28.42 4.57
N LYS A 84 -7.45 -29.35 5.46
CA LYS A 84 -8.83 -29.52 5.93
C LYS A 84 -8.98 -29.05 7.37
N GLY A 85 -10.03 -28.28 7.60
CA GLY A 85 -10.30 -27.73 8.91
C GLY A 85 -9.45 -26.52 9.18
N LEU A 86 -9.76 -25.87 10.31
CA LEU A 86 -8.96 -24.73 10.74
C LEU A 86 -7.59 -25.25 11.18
N THR A 87 -6.54 -24.70 10.60
CA THR A 87 -5.19 -25.09 10.99
C THR A 87 -4.37 -23.85 11.33
N PRO A 88 -3.38 -23.98 12.22
CA PRO A 88 -2.52 -22.83 12.53
C PRO A 88 -1.73 -22.36 11.32
N PHE A 89 -1.52 -21.05 11.25
CA PHE A 89 -0.71 -20.45 10.19
C PHE A 89 0.67 -20.21 10.78
N THR A 90 1.47 -21.27 10.84
CA THR A 90 2.74 -21.23 11.57
C THR A 90 3.80 -22.03 10.84
N PRO A 91 5.09 -21.73 11.11
CA PRO A 91 6.16 -22.54 10.51
C PRO A 91 6.07 -24.01 10.83
N GLU A 92 5.59 -24.37 12.02
CA GLU A 92 5.47 -25.77 12.38
C GLU A 92 4.49 -26.52 11.47
N GLU A 93 3.45 -25.83 11.00
CA GLU A 93 2.50 -26.37 10.04
C GLU A 93 3.02 -26.27 8.60
N GLY A 94 4.25 -25.81 8.40
CA GLY A 94 4.84 -25.83 7.08
C GLY A 94 4.49 -24.65 6.23
N VAL A 95 4.27 -23.50 6.82
CA VAL A 95 4.06 -22.25 6.11
C VAL A 95 5.12 -21.26 6.55
N TRP A 96 5.75 -20.62 5.57
CA TRP A 96 6.79 -19.61 5.81
C TRP A 96 6.40 -18.37 5.03
N ALA A 97 5.94 -17.34 5.75
CA ALA A 97 5.24 -16.25 5.10
C ALA A 97 5.50 -14.90 5.75
N LEU A 98 5.26 -13.87 4.95
CA LEU A 98 5.05 -12.49 5.43
C LEU A 98 3.57 -12.20 5.42
N GLN A 99 3.18 -11.21 6.24
CA GLN A 99 1.78 -10.90 6.45
C GLN A 99 1.60 -9.40 6.72
N LEU A 100 0.50 -8.86 6.24
CA LEU A 100 0.07 -7.51 6.58
C LEU A 100 -1.23 -7.61 7.38
N ASN A 101 -1.17 -7.20 8.64
CA ASN A 101 -2.29 -7.29 9.57
C ASN A 101 -2.17 -6.20 10.60
N GLY A 102 -3.28 -5.55 10.93
CA GLY A 102 -3.23 -4.45 11.88
C GLY A 102 -2.35 -3.30 11.46
N GLY A 103 -2.24 -3.06 10.16
CA GLY A 103 -1.40 -2.01 9.65
C GLY A 103 0.09 -2.23 9.81
N GLN A 104 0.50 -3.45 10.18
CA GLN A 104 1.90 -3.77 10.37
C GLN A 104 2.27 -4.93 9.47
N TYR A 105 3.50 -4.93 9.03
CA TYR A 105 4.08 -6.08 8.34
C TYR A 105 4.74 -7.00 9.34
N TRP A 106 4.57 -8.29 9.11
CA TRP A 106 5.11 -9.31 10.00
C TRP A 106 5.79 -10.42 9.21
N ALA A 107 6.88 -10.96 9.77
CA ALA A 107 7.31 -12.30 9.41
C ALA A 107 6.55 -13.24 10.33
N VAL A 108 5.88 -14.26 9.77
CA VAL A 108 5.03 -15.14 10.58
C VAL A 108 5.86 -16.22 11.27
N THR A 109 6.67 -15.79 12.23
CA THR A 109 7.34 -16.66 13.15
C THR A 109 6.36 -17.10 14.23
N SER A 110 6.77 -18.06 15.04
CA SER A 110 5.99 -18.63 16.11
C SER A 110 6.88 -18.90 17.31
N PRO A 111 6.32 -18.84 18.54
CA PRO A 111 4.91 -18.57 18.87
C PRO A 111 4.48 -17.12 18.69
N GLU A 112 5.42 -16.19 18.57
CA GLU A 112 5.08 -14.80 18.32
C GLU A 112 5.57 -14.39 16.94
N ARG A 113 4.74 -13.65 16.23
CA ARG A 113 5.13 -13.06 14.96
C ARG A 113 6.20 -11.98 15.21
N SER A 114 6.97 -11.70 14.17
CA SER A 114 8.08 -10.74 14.23
C SER A 114 7.68 -9.50 13.45
N PRO A 115 7.44 -8.38 14.11
CA PRO A 115 7.08 -7.15 13.37
C PRO A 115 8.27 -6.63 12.59
N LEU A 116 8.02 -6.25 11.33
CA LEU A 116 9.05 -5.77 10.41
C LEU A 116 8.89 -4.26 10.28
N SER A 117 9.95 -3.55 10.62
CA SER A 117 10.00 -2.10 10.53
C SER A 117 10.55 -1.70 9.16
N CYS A 118 9.84 -2.13 8.12
CA CYS A 118 10.38 -2.11 6.76
C CYS A 118 9.84 -1.01 5.89
N GLY A 119 8.89 -0.24 6.36
CA GLY A 119 8.27 0.75 5.51
C GLY A 119 7.27 0.12 4.54
N HIS A 120 6.61 0.98 3.79
CA HIS A 120 5.50 0.52 2.96
C HIS A 120 5.99 -0.41 1.86
N LEU A 121 5.24 -1.47 1.61
CA LEU A 121 5.56 -2.43 0.57
C LEU A 121 4.54 -2.37 -0.56
N SER A 122 5.05 -2.43 -1.79
CA SER A 122 4.23 -2.47 -3.00
C SER A 122 4.41 -3.77 -3.75
N ARG A 123 5.63 -4.27 -3.83
CA ARG A 123 5.90 -5.51 -4.55
C ARG A 123 7.15 -6.14 -3.93
N VAL A 124 7.10 -7.46 -3.77
CA VAL A 124 8.12 -8.19 -3.03
C VAL A 124 8.68 -9.31 -3.88
N ARG A 125 10.00 -9.46 -3.90
CA ARG A 125 10.65 -10.57 -4.55
C ARG A 125 10.91 -11.68 -3.56
N VAL A 126 10.47 -12.88 -3.91
CA VAL A 126 10.68 -14.09 -3.11
C VAL A 126 11.81 -14.87 -3.77
N ALA A 127 12.83 -15.23 -2.99
CA ALA A 127 13.94 -16.06 -3.45
C ALA A 127 13.94 -17.34 -2.64
N LEU A 128 13.55 -18.43 -3.28
CA LEU A 128 13.53 -19.75 -2.67
C LEU A 128 14.79 -20.51 -3.06
N ASP A 129 15.51 -20.99 -2.07
CA ASP A 129 16.74 -21.74 -2.32
C ASP A 129 16.64 -23.10 -1.66
N LEU A 130 16.34 -24.12 -2.44
CA LEU A 130 16.19 -25.48 -1.95
C LEU A 130 17.53 -26.17 -1.81
N GLU A 131 18.60 -25.60 -2.34
CA GLU A 131 19.92 -26.21 -2.22
C GLU A 131 20.54 -25.90 -0.86
N VAL A 132 20.45 -24.66 -0.42
CA VAL A 132 20.93 -24.27 0.90
C VAL A 132 19.85 -24.37 1.97
N GLY A 133 18.57 -24.27 1.59
CA GLY A 133 17.50 -24.35 2.57
C GLY A 133 17.12 -22.99 3.12
N ALA A 134 16.55 -22.14 2.27
CA ALA A 134 16.20 -20.80 2.72
C ALA A 134 15.10 -20.26 1.82
N VAL A 135 14.26 -19.41 2.39
CA VAL A 135 13.36 -18.59 1.60
C VAL A 135 13.50 -17.16 2.10
N SER A 136 13.72 -16.24 1.17
CA SER A 136 14.03 -14.85 1.50
C SER A 136 13.10 -13.91 0.74
N PHE A 137 12.84 -12.76 1.33
CA PHE A 137 11.91 -11.77 0.82
C PHE A 137 12.59 -10.41 0.77
N TYR A 138 12.42 -9.69 -0.35
CA TYR A 138 13.04 -8.38 -0.60
C TYR A 138 12.01 -7.41 -1.16
N ALA A 139 12.04 -6.16 -0.70
CA ALA A 139 11.17 -5.13 -1.26
C ALA A 139 11.78 -4.65 -2.57
N VAL A 140 11.04 -4.68 -3.68
CA VAL A 140 11.74 -4.56 -4.96
C VAL A 140 12.31 -3.16 -5.25
N GLU A 141 11.78 -2.12 -4.63
CA GLU A 141 12.20 -0.77 -4.98
C GLU A 141 13.68 -0.55 -4.73
N ASP A 142 14.23 -1.11 -3.65
CA ASP A 142 15.65 -1.03 -3.33
C ASP A 142 16.24 -2.40 -3.02
N MET A 143 15.47 -3.50 -3.19
CA MET A 143 15.91 -4.82 -2.75
C MET A 143 16.39 -4.88 -1.33
N ARG A 144 15.82 -4.07 -0.46
CA ARG A 144 16.12 -4.25 0.95
C ARG A 144 15.60 -5.59 1.43
N HIS A 145 16.36 -6.21 2.31
CA HIS A 145 16.01 -7.51 2.83
C HIS A 145 14.92 -7.35 3.88
N LEU A 146 13.86 -8.14 3.74
CA LEU A 146 12.75 -8.09 4.66
C LEU A 146 12.88 -9.19 5.70
N TYR A 147 13.11 -10.44 5.25
CA TYR A 147 13.21 -11.56 6.18
C TYR A 147 13.71 -12.76 5.43
N THR A 148 14.44 -13.63 6.13
CA THR A 148 14.80 -14.95 5.62
C THR A 148 14.41 -16.00 6.65
N PHE A 149 13.69 -17.02 6.19
CA PHE A 149 13.53 -18.24 6.99
C PHE A 149 14.57 -19.25 6.51
N ARG A 150 15.33 -19.82 7.44
CA ARG A 150 16.26 -20.90 7.15
C ARG A 150 15.55 -22.21 7.50
N VAL A 151 15.38 -23.07 6.50
CA VAL A 151 14.58 -24.28 6.64
C VAL A 151 15.29 -25.40 5.90
N ASN A 152 15.42 -26.55 6.54
CA ASN A 152 15.86 -27.77 5.85
C ASN A 152 14.63 -28.39 5.20
N PHE A 153 14.28 -27.89 4.03
CA PHE A 153 13.12 -28.40 3.31
C PHE A 153 13.36 -29.85 2.94
N GLN A 154 12.35 -30.68 3.20
CA GLN A 154 12.48 -32.13 3.02
C GLN A 154 11.39 -32.71 2.15
N GLU A 155 10.69 -31.87 1.38
CA GLU A 155 9.66 -32.29 0.44
C GLU A 155 9.48 -31.17 -0.57
N ARG A 156 8.51 -31.33 -1.46
CA ARG A 156 8.21 -30.30 -2.45
C ARG A 156 7.62 -29.07 -1.78
N VAL A 157 8.02 -27.89 -2.27
CA VAL A 157 7.67 -26.60 -1.68
C VAL A 157 6.90 -25.79 -2.72
N PHE A 158 5.74 -25.24 -2.34
CA PHE A 158 4.87 -24.50 -3.25
C PHE A 158 4.76 -23.03 -2.86
N PRO A 159 4.75 -22.12 -3.82
CA PRO A 159 4.33 -20.75 -3.53
C PRO A 159 2.93 -20.72 -2.92
N LEU A 160 2.77 -19.94 -1.86
CA LEU A 160 1.59 -19.88 -1.00
C LEU A 160 1.07 -18.45 -0.97
N PHE A 161 -0.25 -18.32 -1.01
CA PHE A 161 -0.94 -17.04 -0.96
C PHE A 161 -2.16 -17.19 -0.07
N SER A 162 -2.47 -16.15 0.70
CA SER A 162 -3.64 -16.15 1.56
C SER A 162 -4.20 -14.74 1.61
N VAL A 163 -5.52 -14.63 1.51
CA VAL A 163 -6.22 -13.35 1.62
C VAL A 163 -7.44 -13.57 2.50
N CYS A 164 -7.44 -12.98 3.71
CA CYS A 164 -8.50 -13.28 4.66
C CYS A 164 -9.44 -12.11 4.90
N SER A 165 -9.28 -11.00 4.17
N SER A 165 -9.29 -11.02 4.15
CA SER A 165 -10.18 -9.87 4.27
CA SER A 165 -10.16 -9.86 4.27
C SER A 165 -10.44 -9.30 2.89
C SER A 165 -10.44 -9.31 2.87
N THR A 166 -11.65 -8.81 2.69
CA THR A 166 -11.94 -8.04 1.49
C THR A 166 -11.14 -6.72 1.52
N GLY A 167 -10.96 -6.14 0.35
CA GLY A 167 -10.29 -4.87 0.19
C GLY A 167 -8.80 -4.95 -0.07
N THR A 168 -8.21 -6.14 -0.09
CA THR A 168 -6.80 -6.26 -0.41
C THR A 168 -6.62 -7.36 -1.45
N TYR A 169 -5.38 -7.60 -1.85
CA TYR A 169 -5.14 -8.52 -2.96
C TYR A 169 -3.67 -8.91 -2.95
N LEU A 170 -3.37 -9.95 -3.72
CA LEU A 170 -2.02 -10.34 -4.09
C LEU A 170 -2.04 -10.63 -5.58
N ARG A 171 -0.91 -10.35 -6.26
CA ARG A 171 -0.76 -10.68 -7.67
C ARG A 171 0.65 -11.14 -7.99
N ILE A 172 0.77 -12.29 -8.64
CA ILE A 172 2.04 -12.84 -9.06
C ILE A 172 2.58 -12.05 -10.25
N TRP A 173 3.89 -11.80 -10.24
CA TRP A 173 4.68 -11.40 -11.39
C TRP A 173 5.92 -12.26 -11.55
N PRO A 174 6.44 -12.41 -12.77
CA PRO A 174 7.67 -13.18 -12.98
C PRO A 174 8.90 -12.32 -12.72
N ALA B 7 -8.04 -12.77 10.75
CA ALA B 7 -6.66 -13.26 10.88
C ALA B 7 -6.65 -14.75 11.23
N LEU B 8 -7.66 -15.19 11.97
CA LEU B 8 -7.73 -16.58 12.38
C LEU B 8 -7.73 -17.52 11.18
N PHE B 9 -8.30 -17.08 10.06
CA PHE B 9 -8.46 -17.94 8.91
C PHE B 9 -7.34 -17.78 7.90
N GLN B 10 -6.31 -16.98 8.18
CA GLN B 10 -5.15 -16.92 7.29
C GLN B 10 -4.63 -18.32 6.95
N GLU C 6 -7.91 0.12 -25.75
CA GLU C 6 -7.27 -1.07 -25.18
C GLU C 6 -8.17 -1.62 -24.06
N LEU C 7 -9.11 -0.80 -23.59
CA LEU C 7 -10.08 -1.27 -22.61
C LEU C 7 -11.20 -2.00 -23.33
N THR C 8 -11.62 -3.13 -22.75
CA THR C 8 -12.78 -3.86 -23.21
C THR C 8 -13.59 -4.24 -21.97
N LEU C 9 -14.88 -4.47 -22.18
CA LEU C 9 -15.76 -4.87 -21.10
C LEU C 9 -15.56 -6.35 -20.79
N ASP C 10 -15.72 -6.72 -19.51
CA ASP C 10 -15.46 -8.05 -19.01
C ASP C 10 -16.74 -8.86 -18.92
N PRO C 11 -16.95 -9.82 -19.81
CA PRO C 11 -18.22 -10.55 -19.81
C PRO C 11 -18.47 -11.30 -18.53
N ASP C 12 -17.43 -11.66 -17.78
CA ASP C 12 -17.64 -12.41 -16.54
C ASP C 12 -18.20 -11.54 -15.43
N THR C 13 -18.13 -10.23 -15.59
CA THR C 13 -18.72 -9.32 -14.62
C THR C 13 -20.15 -8.94 -14.98
N ALA C 14 -20.52 -9.04 -16.25
CA ALA C 14 -21.73 -8.39 -16.73
C ALA C 14 -23.00 -9.02 -16.15
N ASN C 15 -23.86 -8.18 -15.62
CA ASN C 15 -25.20 -8.62 -15.27
C ASN C 15 -25.85 -9.28 -16.47
N PRO C 16 -26.60 -10.39 -16.27
CA PRO C 16 -27.14 -11.14 -17.42
C PRO C 16 -28.20 -10.40 -18.23
N ARG C 17 -28.76 -9.32 -17.72
CA ARG C 17 -29.73 -8.54 -18.48
C ARG C 17 -29.05 -7.60 -19.48
N LEU C 18 -27.77 -7.34 -19.30
CA LEU C 18 -27.07 -6.45 -20.23
C LEU C 18 -26.77 -7.18 -21.53
N ILE C 19 -26.63 -6.41 -22.60
CA ILE C 19 -26.16 -6.90 -23.88
C ILE C 19 -24.86 -6.18 -24.19
N LEU C 20 -23.77 -6.94 -24.32
CA LEU C 20 -22.47 -6.40 -24.70
C LEU C 20 -22.28 -6.52 -26.20
N SER C 21 -21.71 -5.48 -26.81
CA SER C 21 -21.44 -5.52 -28.24
C SER C 21 -20.40 -6.59 -28.53
N LEU C 22 -20.34 -6.98 -29.81
CA LEU C 22 -19.41 -8.02 -30.24
C LEU C 22 -17.97 -7.63 -29.99
N ASP C 23 -17.62 -6.35 -30.20
CA ASP C 23 -16.26 -5.89 -29.95
C ASP C 23 -15.99 -5.61 -28.47
N LEU C 24 -16.95 -5.89 -27.59
CA LEU C 24 -16.80 -5.72 -26.14
C LEU C 24 -16.51 -4.27 -25.74
N LYS C 25 -16.92 -3.32 -26.57
CA LYS C 25 -16.79 -1.91 -26.22
C LYS C 25 -18.08 -1.31 -25.69
N GLY C 26 -19.24 -1.85 -26.07
CA GLY C 26 -20.51 -1.22 -25.80
C GLY C 26 -21.39 -2.07 -24.92
N VAL C 27 -22.30 -1.39 -24.21
CA VAL C 27 -23.26 -2.04 -23.34
C VAL C 27 -24.60 -1.30 -23.38
N ARG C 28 -25.67 -2.07 -23.43
CA ARG C 28 -27.02 -1.57 -23.26
C ARG C 28 -27.79 -2.60 -22.45
N LEU C 29 -29.01 -2.26 -22.05
CA LEU C 29 -29.87 -3.18 -21.34
C LEU C 29 -30.75 -3.93 -22.34
N GLY C 30 -30.82 -5.25 -22.20
CA GLY C 30 -31.77 -6.04 -22.97
C GLY C 30 -33.10 -6.22 -22.26
N GLU C 31 -34.02 -6.87 -22.97
CA GLU C 31 -35.37 -7.09 -22.48
C GLU C 31 -35.52 -8.40 -21.74
N ARG C 32 -34.52 -9.28 -21.79
CA ARG C 32 -34.58 -10.58 -21.14
C ARG C 32 -33.19 -10.95 -20.63
N ALA C 33 -33.16 -11.70 -19.54
CA ALA C 33 -31.90 -12.14 -18.98
C ALA C 33 -31.30 -13.24 -19.85
N GLN C 34 -30.00 -13.14 -20.10
CA GLN C 34 -29.27 -14.25 -20.69
C GLN C 34 -29.00 -15.32 -19.65
N ASP C 35 -28.79 -16.54 -20.11
CA ASP C 35 -28.42 -17.66 -19.25
C ASP C 35 -26.90 -17.76 -19.30
N LEU C 36 -26.24 -17.08 -18.36
CA LEU C 36 -24.80 -16.98 -18.29
C LEU C 36 -24.27 -17.84 -17.15
N PRO C 37 -23.05 -18.32 -17.24
CA PRO C 37 -22.50 -19.14 -16.16
C PRO C 37 -22.37 -18.34 -14.88
N ASN C 38 -22.61 -19.02 -13.76
CA ASN C 38 -22.29 -18.43 -12.48
C ASN C 38 -20.82 -18.02 -12.44
N HIS C 39 -20.54 -16.84 -11.92
CA HIS C 39 -19.16 -16.39 -11.81
C HIS C 39 -19.12 -15.48 -10.59
N PRO C 40 -18.12 -15.62 -9.72
CA PRO C 40 -18.09 -14.80 -8.49
C PRO C 40 -17.94 -13.31 -8.76
N CYS C 41 -17.48 -12.91 -9.94
CA CYS C 41 -17.37 -11.50 -10.26
C CYS C 41 -18.62 -10.92 -10.89
N ARG C 42 -19.63 -11.75 -11.17
CA ARG C 42 -20.76 -11.27 -11.93
C ARG C 42 -21.71 -10.47 -11.04
N PHE C 43 -22.08 -9.27 -11.48
CA PHE C 43 -23.14 -8.51 -10.84
C PHE C 43 -24.48 -9.19 -11.11
N ASP C 44 -25.06 -9.83 -10.12
CA ASP C 44 -26.23 -10.68 -10.38
C ASP C 44 -27.56 -9.95 -10.31
N THR C 45 -27.56 -8.70 -9.83
CA THR C 45 -28.79 -7.95 -9.63
C THR C 45 -28.66 -6.54 -10.21
N ASN C 46 -27.66 -5.78 -9.77
CA ASN C 46 -27.44 -4.46 -10.33
C ASN C 46 -26.88 -4.58 -11.74
N THR C 47 -27.27 -3.64 -12.59
CA THR C 47 -27.06 -3.72 -14.04
C THR C 47 -25.68 -3.18 -14.45
N ARG C 48 -24.64 -3.80 -13.91
CA ARG C 48 -23.28 -3.30 -14.03
C ARG C 48 -22.37 -4.26 -14.78
N VAL C 49 -21.28 -3.68 -15.30
CA VAL C 49 -20.18 -4.41 -15.93
C VAL C 49 -18.92 -3.59 -15.71
N LEU C 50 -17.80 -4.27 -15.54
CA LEU C 50 -16.51 -3.62 -15.42
C LEU C 50 -15.70 -3.86 -16.68
N ALA C 51 -14.68 -3.03 -16.89
CA ALA C 51 -13.64 -3.40 -17.84
C ALA C 51 -12.87 -4.61 -17.31
N SER C 52 -12.21 -5.33 -18.23
CA SER C 52 -11.40 -6.47 -17.82
C SER C 52 -10.08 -6.06 -17.18
N CYS C 53 -9.66 -4.82 -17.36
CA CYS C 53 -8.41 -4.32 -16.81
C CYS C 53 -8.71 -3.33 -15.70
N GLY C 54 -8.08 -3.55 -14.55
CA GLY C 54 -8.12 -2.61 -13.45
C GLY C 54 -6.73 -2.06 -13.20
N PHE C 55 -6.64 -0.96 -12.46
CA PHE C 55 -5.40 -0.23 -12.26
C PHE C 55 -5.06 -0.14 -10.79
N SER C 56 -3.80 -0.44 -10.45
CA SER C 56 -3.37 -0.36 -9.07
C SER C 56 -2.41 0.78 -8.79
N SER C 57 -1.96 1.49 -9.82
CA SER C 57 -1.11 2.66 -9.66
C SER C 57 -1.18 3.47 -10.95
N GLY C 58 -0.65 4.69 -10.89
CA GLY C 58 -0.45 5.49 -12.07
C GLY C 58 -1.65 6.34 -12.45
N ARG C 59 -1.58 6.87 -13.65
CA ARG C 59 -2.58 7.77 -14.19
C ARG C 59 -3.05 7.22 -15.52
N HIS C 60 -4.37 7.27 -15.75
CA HIS C 60 -4.97 6.56 -16.86
C HIS C 60 -6.14 7.36 -17.43
N HIS C 61 -6.30 7.30 -18.74
CA HIS C 61 -7.41 7.93 -19.43
C HIS C 61 -8.19 6.90 -20.22
N TRP C 62 -9.50 7.10 -20.32
CA TRP C 62 -10.31 6.44 -21.33
C TRP C 62 -11.46 7.38 -21.66
N GLU C 63 -12.21 7.04 -22.69
CA GLU C 63 -13.33 7.84 -23.14
C GLU C 63 -14.55 6.96 -23.26
N VAL C 64 -15.71 7.57 -22.99
CA VAL C 64 -16.99 6.88 -22.96
C VAL C 64 -18.00 7.70 -23.77
N GLU C 65 -18.49 7.10 -24.84
CA GLU C 65 -19.60 7.63 -25.61
C GLU C 65 -20.88 7.30 -24.86
N VAL C 66 -21.73 8.29 -24.69
CA VAL C 66 -22.88 8.17 -23.82
C VAL C 66 -24.17 8.39 -24.61
N GLY C 67 -25.21 7.63 -24.26
CA GLY C 67 -26.52 7.84 -24.86
C GLY C 67 -27.13 9.16 -24.43
N SER C 68 -28.08 9.64 -25.21
CA SER C 68 -28.66 10.94 -24.93
C SER C 68 -29.80 10.87 -23.92
N LYS C 69 -30.20 9.66 -23.51
CA LYS C 69 -31.36 9.51 -22.62
C LYS C 69 -31.04 8.72 -21.36
N ASP C 70 -31.98 8.79 -20.43
CA ASP C 70 -31.81 8.28 -19.07
C ASP C 70 -31.44 6.80 -19.06
N GLY C 71 -30.65 6.43 -18.05
CA GLY C 71 -30.47 5.04 -17.71
C GLY C 71 -29.04 4.62 -17.46
N TRP C 72 -28.11 5.48 -17.80
CA TRP C 72 -26.71 5.11 -17.64
C TRP C 72 -26.04 5.77 -16.44
N ALA C 73 -24.97 5.12 -15.99
CA ALA C 73 -24.05 5.68 -15.01
C ALA C 73 -22.69 5.05 -15.30
N PHE C 74 -21.62 5.80 -15.13
CA PHE C 74 -20.29 5.24 -15.40
C PHE C 74 -19.24 6.01 -14.62
N GLY C 75 -18.12 5.34 -14.40
CA GLY C 75 -17.00 5.95 -13.72
C GLY C 75 -16.01 4.87 -13.35
N VAL C 76 -15.74 4.73 -12.06
CA VAL C 76 -14.83 3.71 -11.56
C VAL C 76 -15.41 3.06 -10.33
N ALA C 77 -14.92 1.86 -10.04
CA ALA C 77 -15.28 1.13 -8.84
C ALA C 77 -14.06 0.48 -8.24
N ARG C 78 -14.01 0.43 -6.93
CA ARG C 78 -13.01 -0.40 -6.27
C ARG C 78 -13.31 -1.86 -6.54
N GLU C 79 -12.25 -2.68 -6.59
CA GLU C 79 -12.47 -4.07 -6.97
C GLU C 79 -13.37 -4.80 -6.00
N SER C 80 -13.34 -4.42 -4.72
CA SER C 80 -14.18 -5.06 -3.72
C SER C 80 -15.64 -4.62 -3.79
N VAL C 81 -16.02 -3.80 -4.77
CA VAL C 81 -17.44 -3.48 -4.96
C VAL C 81 -18.27 -4.77 -4.92
N ARG C 82 -19.36 -4.73 -4.18
CA ARG C 82 -20.18 -5.93 -3.99
C ARG C 82 -20.92 -6.28 -5.27
N ARG C 83 -20.83 -7.57 -5.64
CA ARG C 83 -21.45 -8.07 -6.85
C ARG C 83 -22.78 -8.80 -6.62
N LYS C 84 -23.01 -9.32 -5.42
CA LYS C 84 -24.11 -10.24 -5.20
C LYS C 84 -25.26 -9.59 -4.43
N GLY C 85 -26.46 -9.76 -4.97
CA GLY C 85 -27.65 -9.18 -4.40
C GLY C 85 -27.82 -7.74 -4.84
N LEU C 86 -28.97 -7.17 -4.50
CA LEU C 86 -29.21 -5.76 -4.72
C LEU C 86 -28.29 -4.96 -3.81
N THR C 87 -27.59 -3.96 -4.35
CA THR C 87 -26.71 -3.10 -3.57
C THR C 87 -26.98 -1.65 -3.91
N PRO C 88 -26.65 -0.73 -3.02
CA PRO C 88 -26.73 0.70 -3.35
C PRO C 88 -25.68 1.09 -4.40
N PHE C 89 -26.01 2.14 -5.15
CA PHE C 89 -25.08 2.73 -6.12
C PHE C 89 -24.57 4.03 -5.52
N THR C 90 -23.56 3.94 -4.66
CA THR C 90 -23.12 5.08 -3.88
C THR C 90 -21.60 5.03 -3.67
N PRO C 91 -20.99 6.17 -3.34
CA PRO C 91 -19.56 6.17 -3.01
C PRO C 91 -19.20 5.23 -1.88
N GLU C 92 -20.11 5.05 -0.91
CA GLU C 92 -19.85 4.19 0.22
C GLU C 92 -19.65 2.75 -0.23
N GLU C 93 -20.32 2.35 -1.31
CA GLU C 93 -20.15 1.02 -1.88
C GLU C 93 -18.97 0.95 -2.83
N GLY C 94 -18.21 2.03 -2.95
CA GLY C 94 -17.04 1.95 -3.80
C GLY C 94 -17.30 2.18 -5.26
N VAL C 95 -18.28 3.01 -5.58
CA VAL C 95 -18.56 3.43 -6.95
C VAL C 95 -18.53 4.95 -7.00
N TRP C 96 -17.83 5.48 -7.99
CA TRP C 96 -17.66 6.92 -8.19
C TRP C 96 -18.00 7.18 -9.65
N ALA C 97 -19.17 7.80 -9.87
CA ALA C 97 -19.75 7.80 -11.19
C ALA C 97 -20.54 9.07 -11.49
N LEU C 98 -20.71 9.33 -12.78
CA LEU C 98 -21.72 10.24 -13.29
C LEU C 98 -22.92 9.44 -13.76
N GLN C 99 -24.08 10.10 -13.86
CA GLN C 99 -25.35 9.45 -14.16
C GLN C 99 -26.26 10.41 -14.93
N LEU C 100 -27.03 9.86 -15.85
CA LEU C 100 -28.11 10.58 -16.50
C LEU C 100 -29.41 9.92 -16.05
N ASN C 101 -30.23 10.68 -15.31
CA ASN C 101 -31.47 10.17 -14.72
C ASN C 101 -32.40 11.34 -14.51
N GLY C 102 -33.68 11.14 -14.82
CA GLY C 102 -34.64 12.23 -14.68
C GLY C 102 -34.39 13.38 -15.60
N GLY C 103 -33.73 13.14 -16.74
CA GLY C 103 -33.40 14.21 -17.64
C GLY C 103 -32.29 15.13 -17.18
N GLN C 104 -31.57 14.76 -16.13
CA GLN C 104 -30.52 15.59 -15.59
C GLN C 104 -29.23 14.80 -15.46
N TYR C 105 -28.11 15.48 -15.65
CA TYR C 105 -26.81 14.89 -15.40
C TYR C 105 -26.40 15.10 -13.95
N TRP C 106 -25.84 14.06 -13.35
CA TRP C 106 -25.48 14.06 -11.94
C TRP C 106 -24.09 13.49 -11.73
N ALA C 107 -23.41 14.01 -10.72
CA ALA C 107 -22.36 13.26 -10.05
C ALA C 107 -23.03 12.51 -8.91
N VAL C 108 -22.78 11.21 -8.80
CA VAL C 108 -23.46 10.40 -7.80
C VAL C 108 -22.73 10.49 -6.46
N THR C 109 -22.81 11.67 -5.86
CA THR C 109 -22.49 11.85 -4.46
C THR C 109 -23.63 11.29 -3.61
N SER C 110 -23.40 11.23 -2.32
CA SER C 110 -24.36 10.70 -1.36
C SER C 110 -24.30 11.54 -0.09
N PRO C 111 -25.42 11.66 0.64
CA PRO C 111 -26.70 11.00 0.36
C PRO C 111 -27.51 11.62 -0.76
N GLU C 112 -27.15 12.82 -1.20
CA GLU C 112 -27.85 13.49 -2.30
C GLU C 112 -26.88 13.62 -3.46
N ARG C 113 -27.38 13.35 -4.67
CA ARG C 113 -26.60 13.53 -5.88
C ARG C 113 -26.36 15.01 -6.15
N SER C 114 -25.32 15.29 -6.92
CA SER C 114 -24.92 16.67 -7.24
C SER C 114 -25.22 16.96 -8.69
N PRO C 115 -26.14 17.89 -8.97
CA PRO C 115 -26.48 18.18 -10.37
C PRO C 115 -25.34 18.87 -11.08
N LEU C 116 -25.08 18.44 -12.31
CA LEU C 116 -24.05 19.05 -13.12
C LEU C 116 -24.67 20.11 -14.01
N SER C 117 -23.92 21.18 -14.26
CA SER C 117 -24.41 22.29 -15.09
C SER C 117 -23.66 22.30 -16.41
N CYS C 118 -23.89 21.27 -17.22
CA CYS C 118 -23.07 21.01 -18.39
C CYS C 118 -23.77 21.04 -19.72
N GLY C 119 -25.05 20.76 -19.78
CA GLY C 119 -25.69 20.61 -21.07
C GLY C 119 -25.34 19.27 -21.73
N HIS C 120 -25.77 19.12 -22.98
CA HIS C 120 -25.80 17.79 -23.58
C HIS C 120 -24.42 17.16 -23.70
N LEU C 121 -24.30 15.91 -23.25
CA LEU C 121 -23.04 15.18 -23.30
C LEU C 121 -23.10 14.13 -24.40
N SER C 122 -22.00 14.01 -25.15
CA SER C 122 -21.86 13.03 -26.22
C SER C 122 -20.74 12.04 -25.93
N ARG C 123 -19.58 12.52 -25.49
CA ARG C 123 -18.47 11.66 -25.13
C ARG C 123 -17.74 12.34 -23.98
N VAL C 124 -17.31 11.52 -23.02
CA VAL C 124 -16.69 12.00 -21.79
C VAL C 124 -15.32 11.34 -21.65
N ARG C 125 -14.30 12.14 -21.33
CA ARG C 125 -12.98 11.62 -20.98
C ARG C 125 -12.85 11.45 -19.48
N VAL C 126 -12.49 10.25 -19.06
CA VAL C 126 -12.27 9.92 -17.66
C VAL C 126 -10.77 9.92 -17.41
N ALA C 127 -10.34 10.65 -16.37
CA ALA C 127 -8.94 10.72 -15.96
C ALA C 127 -8.81 10.20 -14.55
N LEU C 128 -8.26 9.00 -14.44
CA LEU C 128 -8.05 8.35 -13.15
C LEU C 128 -6.62 8.62 -12.71
N ASP C 129 -6.45 9.18 -11.52
CA ASP C 129 -5.13 9.46 -10.94
C ASP C 129 -5.00 8.74 -9.61
N LEU C 130 -4.34 7.57 -9.65
CA LEU C 130 -4.13 6.78 -8.44
C LEU C 130 -2.97 7.30 -7.59
N GLU C 131 -2.13 8.13 -8.17
CA GLU C 131 -1.01 8.69 -7.40
C GLU C 131 -1.50 9.75 -6.44
N VAL C 132 -2.41 10.63 -6.88
CA VAL C 132 -2.96 11.65 -6.00
C VAL C 132 -4.27 11.24 -5.32
N GLY C 133 -5.02 10.32 -5.94
CA GLY C 133 -6.32 9.96 -5.44
C GLY C 133 -7.46 10.78 -5.98
N ALA C 134 -7.70 10.67 -7.28
CA ALA C 134 -8.79 11.43 -7.90
C ALA C 134 -9.29 10.70 -9.14
N VAL C 135 -10.56 10.93 -9.45
CA VAL C 135 -11.11 10.56 -10.75
C VAL C 135 -11.90 11.74 -11.26
N SER C 136 -11.58 12.18 -12.47
CA SER C 136 -12.16 13.37 -13.06
C SER C 136 -12.85 13.03 -14.38
N PHE C 137 -13.81 13.87 -14.75
CA PHE C 137 -14.60 13.66 -15.95
C PHE C 137 -14.69 14.97 -16.71
N TYR C 138 -14.48 14.90 -18.02
CA TYR C 138 -14.50 16.05 -18.90
C TYR C 138 -15.35 15.81 -20.14
N ALA C 139 -16.11 16.81 -20.55
CA ALA C 139 -16.84 16.72 -21.81
C ALA C 139 -15.90 16.99 -22.95
N VAL C 140 -15.78 16.05 -23.91
CA VAL C 140 -14.62 16.10 -24.80
C VAL C 140 -14.68 17.26 -25.81
N GLU C 141 -15.86 17.78 -26.13
CA GLU C 141 -15.98 18.76 -27.21
C GLU C 141 -15.16 20.01 -26.89
N ASP C 142 -15.17 20.46 -25.63
CA ASP C 142 -14.37 21.59 -25.20
C ASP C 142 -13.54 21.26 -23.96
N MET C 143 -13.50 19.99 -23.54
CA MET C 143 -12.79 19.58 -22.31
C MET C 143 -13.24 20.36 -21.08
N ARG C 144 -14.52 20.69 -21.02
CA ARG C 144 -15.03 21.30 -19.81
C ARG C 144 -15.03 20.27 -18.67
N HIS C 145 -14.64 20.74 -17.50
CA HIS C 145 -14.65 19.90 -16.32
C HIS C 145 -16.09 19.67 -15.88
N LEU C 146 -16.44 18.41 -15.72
CA LEU C 146 -17.76 18.04 -15.21
C LEU C 146 -17.75 17.78 -13.72
N TYR C 147 -16.81 16.97 -13.24
CA TYR C 147 -16.76 16.64 -11.82
C TYR C 147 -15.47 15.89 -11.52
N THR C 148 -14.96 16.08 -10.30
CA THR C 148 -13.86 15.27 -9.78
C THR C 148 -14.23 14.74 -8.40
N PHE C 149 -14.11 13.42 -8.22
CA PHE C 149 -14.14 12.81 -6.89
C PHE C 149 -12.71 12.67 -6.40
N ARG C 150 -12.46 13.12 -5.16
CA ARG C 150 -11.20 12.92 -4.48
C ARG C 150 -11.37 11.74 -3.54
N VAL C 151 -10.59 10.70 -3.77
CA VAL C 151 -10.72 9.43 -3.07
C VAL C 151 -9.32 8.91 -2.78
N ASN C 152 -9.10 8.40 -1.57
CA ASN C 152 -7.86 7.71 -1.25
C ASN C 152 -7.96 6.26 -1.70
N PHE C 153 -7.86 6.06 -3.01
CA PHE C 153 -7.96 4.73 -3.57
C PHE C 153 -6.79 3.89 -3.06
N GLN C 154 -7.09 2.73 -2.48
CA GLN C 154 -6.06 1.86 -1.92
C GLN C 154 -6.22 0.42 -2.39
N GLU C 155 -7.07 0.16 -3.35
CA GLU C 155 -7.09 -1.15 -3.99
C GLU C 155 -7.10 -1.00 -5.49
N ARG C 156 -7.22 -2.09 -6.24
CA ARG C 156 -7.28 -1.98 -7.68
C ARG C 156 -8.61 -1.34 -8.08
N VAL C 157 -8.56 -0.41 -9.02
CA VAL C 157 -9.72 0.39 -9.43
C VAL C 157 -10.06 0.06 -10.89
N PHE C 158 -11.33 -0.23 -11.15
CA PHE C 158 -11.79 -0.67 -12.45
C PHE C 158 -12.74 0.35 -13.08
N PRO C 159 -12.61 0.59 -14.39
CA PRO C 159 -13.67 1.29 -15.12
C PRO C 159 -14.99 0.54 -14.92
N LEU C 160 -16.05 1.31 -14.63
CA LEU C 160 -17.38 0.83 -14.30
C LEU C 160 -18.42 1.44 -15.23
N PHE C 161 -19.39 0.60 -15.61
CA PHE C 161 -20.47 0.96 -16.52
C PHE C 161 -21.76 0.33 -16.00
N SER C 162 -22.85 1.08 -16.07
CA SER C 162 -24.14 0.58 -15.66
C SER C 162 -25.22 1.15 -16.58
N VAL C 163 -26.15 0.30 -16.99
CA VAL C 163 -27.28 0.71 -17.81
C VAL C 163 -28.50 0.00 -17.25
N CYS C 164 -29.43 0.77 -16.68
CA CYS C 164 -30.58 0.21 -15.97
C CYS C 164 -31.92 0.44 -16.66
N SER C 165 -31.93 1.06 -17.84
CA SER C 165 -33.13 1.22 -18.63
C SER C 165 -32.77 1.01 -20.10
N THR C 166 -33.78 0.62 -20.88
CA THR C 166 -33.60 0.55 -22.33
C THR C 166 -33.58 1.96 -22.93
N GLY C 167 -33.17 2.04 -24.19
CA GLY C 167 -33.13 3.33 -24.86
C GLY C 167 -31.90 4.17 -24.61
N THR C 168 -30.86 3.60 -24.00
CA THR C 168 -29.60 4.31 -23.84
C THR C 168 -28.48 3.29 -23.85
N TYR C 169 -27.26 3.79 -23.84
CA TYR C 169 -26.11 2.91 -23.94
C TYR C 169 -24.87 3.65 -23.45
N LEU C 170 -23.81 2.87 -23.27
CA LEU C 170 -22.47 3.37 -23.06
C LEU C 170 -21.52 2.64 -24.00
N ARG C 171 -20.48 3.34 -24.48
CA ARG C 171 -19.47 2.68 -25.29
C ARG C 171 -18.09 3.24 -25.05
N ILE C 172 -17.13 2.33 -24.83
CA ILE C 172 -15.72 2.69 -24.74
C ILE C 172 -15.27 3.17 -26.12
N TRP C 173 -14.56 4.29 -26.16
CA TRP C 173 -14.21 4.93 -27.43
C TRP C 173 -12.72 5.16 -27.43
N PRO C 174 -12.03 4.93 -28.57
CA PRO C 174 -10.57 4.82 -28.55
C PRO C 174 -9.87 5.89 -27.72
N GLU D 6 -36.06 2.66 -12.37
CA GLU D 6 -35.05 1.71 -12.83
C GLU D 6 -33.75 1.95 -12.09
N ALA D 7 -33.51 3.21 -11.71
CA ALA D 7 -32.26 3.55 -11.06
C ALA D 7 -32.02 2.71 -9.83
N LEU D 8 -33.07 2.08 -9.28
CA LEU D 8 -32.88 1.13 -8.18
C LEU D 8 -31.79 0.11 -8.49
N PHE D 9 -31.74 -0.34 -9.73
CA PHE D 9 -30.83 -1.41 -10.13
C PHE D 9 -29.53 -0.89 -10.71
N GLN D 10 -29.30 0.42 -10.72
CA GLN D 10 -28.05 0.97 -11.24
C GLN D 10 -26.85 0.32 -10.52
N GLU E 6 35.76 16.70 12.83
CA GLU E 6 34.41 16.48 12.32
C GLU E 6 33.59 15.63 13.30
N LEU E 7 32.28 15.67 13.15
CA LEU E 7 31.40 14.96 14.06
C LEU E 7 31.38 13.46 13.76
N THR E 8 31.22 12.67 14.81
CA THR E 8 30.94 11.25 14.68
C THR E 8 29.82 10.86 15.62
N LEU E 9 29.12 9.78 15.25
CA LEU E 9 28.06 9.28 16.09
C LEU E 9 28.64 8.57 17.30
N ASP E 10 27.92 8.63 18.41
CA ASP E 10 28.36 8.09 19.69
C ASP E 10 27.72 6.72 19.90
N PRO E 11 28.46 5.63 19.72
CA PRO E 11 27.82 4.31 19.85
C PRO E 11 27.20 4.04 21.20
N ASP E 12 27.68 4.71 22.26
CA ASP E 12 27.16 4.45 23.60
C ASP E 12 25.77 5.03 23.80
N THR E 13 25.35 5.96 22.94
CA THR E 13 24.00 6.49 23.03
C THR E 13 23.00 5.74 22.16
N ALA E 14 23.49 4.96 21.20
CA ALA E 14 22.63 4.44 20.13
C ALA E 14 21.70 3.35 20.61
N ASN E 15 20.44 3.49 20.22
CA ASN E 15 19.49 2.40 20.39
C ASN E 15 20.08 1.12 19.80
N PRO E 16 19.92 -0.02 20.46
CA PRO E 16 20.61 -1.24 20.00
C PRO E 16 20.11 -1.79 18.70
N ARG E 17 18.97 -1.31 18.17
CA ARG E 17 18.51 -1.74 16.85
C ARG E 17 19.21 -0.99 15.72
N LEU E 18 19.83 0.14 16.00
CA LEU E 18 20.49 0.88 14.95
C LEU E 18 21.81 0.20 14.59
N ILE E 19 22.21 0.34 13.33
CA ILE E 19 23.51 -0.08 12.84
C ILE E 19 24.26 1.16 12.42
N LEU E 20 25.37 1.42 13.08
CA LEU E 20 26.25 2.52 12.75
C LEU E 20 27.27 2.07 11.73
N SER E 21 27.65 2.99 10.85
CA SER E 21 28.71 2.69 9.92
C SER E 21 30.04 2.53 10.67
N LEU E 22 30.97 1.85 10.01
CA LEU E 22 32.28 1.65 10.60
C LEU E 22 32.97 2.98 10.90
N ASP E 23 32.84 3.95 9.99
CA ASP E 23 33.46 5.25 10.21
C ASP E 23 32.66 6.16 11.15
N LEU E 24 31.57 5.66 11.71
CA LEU E 24 30.75 6.37 12.68
C LEU E 24 30.12 7.64 12.12
N LYS E 25 29.99 7.73 10.81
CA LYS E 25 29.28 8.84 10.21
C LYS E 25 27.83 8.51 9.92
N GLY E 26 27.51 7.23 9.70
CA GLY E 26 26.25 6.84 9.14
C GLY E 26 25.44 5.98 10.09
N VAL E 27 24.11 6.05 9.93
CA VAL E 27 23.21 5.26 10.74
C VAL E 27 22.04 4.77 9.89
N ARG E 28 21.66 3.52 10.11
CA ARG E 28 20.42 2.96 9.56
C ARG E 28 19.80 2.06 10.61
N LEU E 29 18.59 1.59 10.35
CA LEU E 29 17.93 0.67 11.27
C LEU E 29 18.23 -0.77 10.88
N GLY E 30 18.73 -1.55 11.83
CA GLY E 30 18.94 -2.96 11.62
C GLY E 30 17.68 -3.79 11.88
N GLU E 31 17.82 -5.09 11.67
CA GLU E 31 16.71 -6.01 11.79
C GLU E 31 16.63 -6.68 13.15
N ARG E 32 17.68 -6.58 13.97
CA ARG E 32 17.70 -7.18 15.28
C ARG E 32 18.41 -6.24 16.25
N ALA E 33 18.14 -6.44 17.54
CA ALA E 33 18.80 -5.65 18.56
C ALA E 33 20.18 -6.24 18.86
N GLN E 34 21.21 -5.40 18.84
CA GLN E 34 22.52 -5.80 19.31
C GLN E 34 22.49 -5.99 20.83
N ASP E 35 23.36 -6.86 21.31
CA ASP E 35 23.53 -7.08 22.75
C ASP E 35 24.56 -6.09 23.25
N LEU E 36 24.09 -4.94 23.71
CA LEU E 36 24.95 -3.84 24.12
C LEU E 36 24.70 -3.54 25.59
N PRO E 37 25.69 -2.99 26.28
CA PRO E 37 25.50 -2.66 27.70
C PRO E 37 24.48 -1.53 27.85
N ASN E 38 23.57 -1.70 28.80
CA ASN E 38 22.60 -0.65 29.11
C ASN E 38 23.30 0.44 29.90
N HIS E 39 23.55 1.55 29.28
CA HIS E 39 24.08 2.76 29.89
C HIS E 39 22.94 3.75 30.10
N PRO E 40 22.99 4.59 31.13
CA PRO E 40 21.93 5.60 31.28
C PRO E 40 21.76 6.49 30.08
N CYS E 41 22.83 6.71 29.31
CA CYS E 41 22.78 7.57 28.14
C CYS E 41 22.21 6.90 26.91
N ARG E 42 22.00 5.58 26.94
CA ARG E 42 21.56 4.90 25.73
C ARG E 42 20.05 4.99 25.58
N PHE E 43 19.60 5.39 24.39
CA PHE E 43 18.19 5.34 24.03
C PHE E 43 17.74 3.89 23.94
N ASP E 44 16.89 3.46 24.87
CA ASP E 44 16.57 2.05 24.90
C ASP E 44 15.35 1.65 24.10
N THR E 45 14.56 2.60 23.61
CA THR E 45 13.32 2.29 22.92
C THR E 45 13.18 3.12 21.65
N ASN E 46 13.32 4.43 21.74
CA ASN E 46 13.26 5.24 20.53
C ASN E 46 14.56 5.05 19.76
N THR E 47 14.46 5.10 18.43
CA THR E 47 15.53 4.70 17.51
C THR E 47 16.52 5.84 17.23
N ARG E 48 17.15 6.33 18.29
CA ARG E 48 17.96 7.54 18.26
C ARG E 48 19.42 7.29 18.63
N VAL E 49 20.25 8.22 18.17
CA VAL E 49 21.68 8.27 18.46
C VAL E 49 22.09 9.72 18.44
N LEU E 50 23.00 10.10 19.31
CA LEU E 50 23.59 11.44 19.32
C LEU E 50 25.01 11.39 18.79
N ALA E 51 25.49 12.55 18.34
CA ALA E 51 26.92 12.67 18.13
C ALA E 51 27.67 12.69 19.47
N SER E 52 28.98 12.39 19.40
CA SER E 52 29.77 12.30 20.62
C SER E 52 30.07 13.68 21.21
N CYS E 53 29.93 14.72 20.41
CA CYS E 53 30.22 16.08 20.82
C CYS E 53 28.92 16.86 21.01
N GLY E 54 28.81 17.53 22.15
CA GLY E 54 27.76 18.49 22.42
C GLY E 54 28.32 19.89 22.58
N PHE E 55 27.43 20.88 22.48
CA PHE E 55 27.83 22.27 22.46
C PHE E 55 27.08 23.06 23.52
N SER E 56 27.80 23.90 24.27
CA SER E 56 27.19 24.80 25.25
C SER E 56 27.21 26.25 24.84
N SER E 57 28.04 26.62 23.87
CA SER E 57 28.10 28.00 23.40
C SER E 57 28.57 27.98 21.95
N GLY E 58 28.48 29.14 21.32
CA GLY E 58 29.03 29.35 19.99
C GLY E 58 28.09 28.95 18.88
N ARG E 59 28.65 29.00 17.66
CA ARG E 59 27.97 28.65 16.43
C ARG E 59 28.66 27.45 15.80
N HIS E 60 27.87 26.54 15.22
CA HIS E 60 28.38 25.26 14.77
C HIS E 60 27.61 24.82 13.55
N HIS E 61 28.33 24.27 12.57
CA HIS E 61 27.73 23.72 11.36
C HIS E 61 28.10 22.25 11.21
N TRP E 62 27.18 21.47 10.67
CA TRP E 62 27.49 20.14 10.16
C TRP E 62 26.54 19.87 9.00
N GLU E 63 26.80 18.80 8.26
CA GLU E 63 25.96 18.42 7.16
C GLU E 63 25.58 16.96 7.29
N VAL E 64 24.38 16.67 6.78
CA VAL E 64 23.75 15.36 6.87
C VAL E 64 23.21 14.94 5.51
N GLU E 65 23.78 13.87 4.95
CA GLU E 65 23.22 13.20 3.80
C GLU E 65 22.03 12.38 4.24
N VAL E 66 20.94 12.50 3.48
CA VAL E 66 19.69 11.89 3.85
C VAL E 66 19.22 10.93 2.77
N GLY E 67 18.63 9.81 3.20
CA GLY E 67 18.03 8.90 2.26
C GLY E 67 16.77 9.44 1.61
N SER E 68 16.41 8.84 0.46
CA SER E 68 15.25 9.31 -0.27
C SER E 68 13.92 8.75 0.24
N LYS E 69 13.93 7.71 1.06
CA LYS E 69 12.69 7.13 1.55
C LYS E 69 12.48 7.43 3.03
N ASP E 70 11.21 7.25 3.42
CA ASP E 70 10.70 7.59 4.74
C ASP E 70 11.47 6.85 5.82
N GLY E 71 11.53 7.48 6.99
CA GLY E 71 11.98 6.81 8.19
C GLY E 71 12.97 7.57 9.04
N TRP E 72 13.49 8.67 8.54
CA TRP E 72 14.50 9.41 9.26
C TRP E 72 13.96 10.70 9.86
N ALA E 73 14.67 11.14 10.88
CA ALA E 73 14.53 12.48 11.46
C ALA E 73 15.89 12.87 12.05
N PHE E 74 16.22 14.15 11.95
CA PHE E 74 17.51 14.58 12.50
C PHE E 74 17.44 16.06 12.85
N GLY E 75 18.33 16.46 13.75
CA GLY E 75 18.47 17.84 14.11
C GLY E 75 19.32 17.96 15.34
N VAL E 76 18.76 18.52 16.42
CA VAL E 76 19.47 18.65 17.67
C VAL E 76 18.57 18.25 18.82
N ALA E 77 19.19 17.85 19.92
CA ALA E 77 18.48 17.52 21.15
C ALA E 77 19.19 18.16 22.32
N ARG E 78 18.42 18.64 23.29
CA ARG E 78 19.02 19.02 24.57
C ARG E 78 19.61 17.79 25.26
N GLU E 79 20.68 17.98 26.02
CA GLU E 79 21.34 16.84 26.65
C GLU E 79 20.37 16.05 27.53
N SER E 80 19.42 16.75 28.18
CA SER E 80 18.46 16.10 29.09
C SER E 80 17.33 15.38 28.37
N VAL E 81 17.36 15.28 27.04
CA VAL E 81 16.39 14.45 26.33
C VAL E 81 16.28 13.10 27.00
N ARG E 82 15.05 12.65 27.20
CA ARG E 82 14.82 11.42 27.93
C ARG E 82 15.24 10.22 27.09
N ARG E 83 16.01 9.32 27.70
CA ARG E 83 16.57 8.17 26.99
C ARG E 83 15.81 6.86 27.24
N LYS E 84 15.03 6.77 28.31
CA LYS E 84 14.51 5.48 28.76
C LYS E 84 13.01 5.39 28.53
N GLY E 85 12.59 4.27 27.96
CA GLY E 85 11.20 4.04 27.63
C GLY E 85 10.82 4.73 26.33
N LEU E 86 9.60 4.44 25.89
CA LEU E 86 9.05 5.13 24.74
C LEU E 86 8.76 6.58 25.13
N THR E 87 9.25 7.53 24.35
CA THR E 87 9.02 8.94 24.63
C THR E 87 8.54 9.64 23.37
N PRO E 88 7.85 10.77 23.52
CA PRO E 88 7.44 11.54 22.35
C PRO E 88 8.62 12.16 21.63
N PHE E 89 8.45 12.36 20.33
CA PHE E 89 9.47 13.00 19.47
C PHE E 89 8.95 14.41 19.18
N THR E 90 9.17 15.33 20.13
CA THR E 90 8.53 16.63 20.09
C THR E 90 9.45 17.71 20.65
N PRO E 91 9.22 18.97 20.31
CA PRO E 91 10.04 20.04 20.90
C PRO E 91 9.96 20.07 22.40
N GLU E 92 8.81 19.71 22.99
CA GLU E 92 8.67 19.75 24.43
C GLU E 92 9.62 18.79 25.10
N GLU E 93 9.90 17.67 24.42
CA GLU E 93 10.87 16.68 24.90
C GLU E 93 12.30 17.08 24.57
N GLY E 94 12.51 18.25 24.00
CA GLY E 94 13.86 18.71 23.75
C GLY E 94 14.46 18.20 22.47
N VAL E 95 13.64 17.92 21.46
CA VAL E 95 14.12 17.53 20.14
C VAL E 95 13.63 18.52 19.11
N TRP E 96 14.55 19.04 18.29
CA TRP E 96 14.25 20.02 17.25
C TRP E 96 14.79 19.44 15.95
N ALA E 97 13.87 18.98 15.08
CA ALA E 97 14.27 18.11 14.00
C ALA E 97 13.43 18.31 12.75
N LEU E 98 14.02 17.93 11.63
CA LEU E 98 13.31 17.66 10.39
C LEU E 98 13.09 16.15 10.27
N GLN E 99 12.10 15.77 9.47
CA GLN E 99 11.67 14.37 9.34
C GLN E 99 11.12 14.12 7.95
N LEU E 100 11.37 12.93 7.42
CA LEU E 100 10.75 12.43 6.19
C LEU E 100 9.82 11.29 6.58
N ASN E 101 8.53 11.51 6.39
CA ASN E 101 7.49 10.56 6.78
C ASN E 101 6.29 10.75 5.88
N GLY E 102 5.68 9.65 5.48
CA GLY E 102 4.53 9.74 4.59
C GLY E 102 4.82 10.43 3.27
N GLY E 103 6.06 10.35 2.79
CA GLY E 103 6.43 10.99 1.56
C GLY E 103 6.52 12.49 1.62
N GLN E 104 6.46 13.08 2.80
CA GLN E 104 6.56 14.52 2.99
C GLN E 104 7.71 14.84 3.93
N TYR E 105 8.34 15.99 3.70
CA TYR E 105 9.31 16.55 4.63
C TYR E 105 8.57 17.43 5.61
N TRP E 106 8.97 17.34 6.88
CA TRP E 106 8.32 18.06 7.96
C TRP E 106 9.37 18.72 8.84
N ALA E 107 9.02 19.89 9.37
CA ALA E 107 9.65 20.36 10.58
C ALA E 107 8.79 19.83 11.72
N VAL E 108 9.41 19.15 12.69
CA VAL E 108 8.64 18.49 13.74
C VAL E 108 8.27 19.50 14.84
N THR E 109 7.37 20.39 14.49
CA THR E 109 6.63 21.21 15.43
C THR E 109 5.54 20.38 16.10
N SER E 110 4.95 20.96 17.14
CA SER E 110 3.91 20.30 17.91
C SER E 110 2.85 21.31 18.31
N PRO E 111 1.59 20.88 18.46
CA PRO E 111 1.12 19.51 18.36
C PRO E 111 1.01 18.96 16.96
N GLU E 112 1.05 19.83 15.96
CA GLU E 112 1.03 19.40 14.57
C GLU E 112 2.37 19.73 13.93
N ARG E 113 2.86 18.79 13.14
CA ARG E 113 4.07 19.01 12.37
C ARG E 113 3.77 20.00 11.23
N SER E 114 4.83 20.64 10.75
CA SER E 114 4.75 21.65 9.70
C SER E 114 5.27 21.07 8.40
N PRO E 115 4.43 20.88 7.38
CA PRO E 115 4.93 20.30 6.14
C PRO E 115 5.76 21.31 5.36
N LEU E 116 6.91 20.86 4.85
CA LEU E 116 7.83 21.71 4.12
C LEU E 116 7.71 21.42 2.64
N SER E 117 7.39 22.44 1.87
CA SER E 117 7.32 22.33 0.41
C SER E 117 8.67 22.70 -0.19
N CYS E 118 9.68 21.90 0.14
CA CYS E 118 11.07 22.22 -0.16
C CYS E 118 11.64 21.45 -1.33
N GLY E 119 10.88 20.55 -1.89
CA GLY E 119 11.41 19.70 -2.95
C GLY E 119 12.36 18.63 -2.39
N HIS E 120 12.91 17.84 -3.30
CA HIS E 120 13.73 16.71 -2.91
C HIS E 120 15.00 17.16 -2.17
N LEU E 121 15.33 16.44 -1.09
CA LEU E 121 16.53 16.71 -0.31
C LEU E 121 17.54 15.57 -0.46
N SER E 122 18.81 15.92 -0.63
CA SER E 122 19.93 14.99 -0.66
C SER E 122 20.90 15.20 0.48
N ARG E 123 21.25 16.46 0.78
CA ARG E 123 22.15 16.78 1.89
C ARG E 123 21.72 18.09 2.49
N VAL E 124 21.74 18.19 3.80
CA VAL E 124 21.23 19.33 4.55
C VAL E 124 22.34 19.86 5.45
N ARG E 125 22.54 21.17 5.45
CA ARG E 125 23.43 21.83 6.39
C ARG E 125 22.63 22.32 7.60
N VAL E 126 23.09 21.93 8.80
CA VAL E 126 22.53 22.39 10.07
C VAL E 126 23.42 23.48 10.63
N ALA E 127 22.81 24.63 10.97
CA ALA E 127 23.50 25.73 11.61
C ALA E 127 22.93 25.95 13.01
N LEU E 128 23.71 25.61 14.01
CA LEU E 128 23.32 25.76 15.40
C LEU E 128 23.95 27.03 15.95
N ASP E 129 23.14 27.93 16.49
CA ASP E 129 23.62 29.20 17.03
C ASP E 129 23.18 29.29 18.48
N LEU E 130 24.09 28.95 19.39
CA LEU E 130 23.77 28.97 20.82
C LEU E 130 23.88 30.36 21.41
N GLU E 131 24.47 31.29 20.67
CA GLU E 131 24.57 32.66 21.15
C GLU E 131 23.23 33.39 21.03
N VAL E 132 22.55 33.25 19.89
CA VAL E 132 21.25 33.87 19.73
C VAL E 132 20.10 32.95 20.07
N GLY E 133 20.32 31.64 20.04
CA GLY E 133 19.25 30.69 20.32
C GLY E 133 18.47 30.29 19.10
N ALA E 134 19.13 29.58 18.18
CA ALA E 134 18.44 29.11 16.98
C ALA E 134 19.13 27.87 16.44
N VAL E 135 18.35 27.04 15.75
CA VAL E 135 18.90 25.97 14.93
C VAL E 135 18.18 26.02 13.58
N SER E 136 18.96 26.08 12.50
CA SER E 136 18.45 26.27 11.14
C SER E 136 18.96 25.17 10.23
N PHE E 137 18.16 24.88 9.19
CA PHE E 137 18.42 23.81 8.25
C PHE E 137 18.33 24.37 6.85
N TYR E 138 19.29 24.02 6.01
CA TYR E 138 19.37 24.48 4.62
C TYR E 138 19.67 23.30 3.69
N ALA E 139 19.04 23.28 2.53
CA ALA E 139 19.37 22.28 1.53
C ALA E 139 20.62 22.72 0.81
N VAL E 140 21.63 21.84 0.72
CA VAL E 140 22.96 22.35 0.37
C VAL E 140 23.09 22.82 -1.08
N GLU E 141 22.31 22.25 -2.00
CA GLU E 141 22.50 22.55 -3.42
C GLU E 141 22.40 24.05 -3.70
N ASP E 142 21.49 24.74 -3.01
CA ASP E 142 21.34 26.18 -3.16
C ASP E 142 21.25 26.91 -1.83
N MET E 143 21.50 26.22 -0.72
CA MET E 143 21.26 26.76 0.62
C MET E 143 19.89 27.36 0.79
N ARG E 144 18.87 26.81 0.14
CA ARG E 144 17.54 27.28 0.44
C ARG E 144 17.20 26.97 1.90
N HIS E 145 16.51 27.89 2.55
CA HIS E 145 16.15 27.71 3.95
C HIS E 145 15.01 26.72 4.07
N LEU E 146 15.18 25.72 4.93
CA LEU E 146 14.13 24.75 5.18
C LEU E 146 13.30 25.11 6.41
N TYR E 147 13.95 25.38 7.53
CA TYR E 147 13.26 25.73 8.76
C TYR E 147 14.27 26.26 9.76
N THR E 148 13.81 27.13 10.66
CA THR E 148 14.58 27.55 11.83
C THR E 148 13.70 27.43 13.05
N PHE E 149 14.18 26.71 14.06
CA PHE E 149 13.57 26.72 15.39
C PHE E 149 14.29 27.78 16.21
N ARG E 150 13.55 28.75 16.73
CA ARG E 150 14.09 29.72 17.68
C ARG E 150 13.87 29.18 19.09
N VAL E 151 14.96 28.96 19.81
CA VAL E 151 14.92 28.27 21.10
C VAL E 151 15.92 28.95 22.01
N ASN E 152 15.48 29.32 23.21
CA ASN E 152 16.39 29.77 24.25
C ASN E 152 16.97 28.52 24.91
N PHE E 153 17.97 27.95 24.26
CA PHE E 153 18.58 26.74 24.78
C PHE E 153 19.18 27.03 26.14
N GLN E 154 18.89 26.17 27.10
CA GLN E 154 19.30 26.38 28.49
C GLN E 154 20.25 25.30 28.97
N GLU E 155 20.81 24.51 28.06
CA GLU E 155 21.73 23.43 28.42
C GLU E 155 22.53 23.05 27.19
N ARG E 156 23.43 22.08 27.35
CA ARG E 156 24.21 21.57 26.24
C ARG E 156 23.29 20.94 25.19
N VAL E 157 23.65 21.12 23.91
CA VAL E 157 22.84 20.69 22.77
C VAL E 157 23.68 19.76 21.91
N PHE E 158 23.11 18.61 21.53
CA PHE E 158 23.81 17.59 20.77
C PHE E 158 23.15 17.37 19.40
N PRO E 159 23.94 17.17 18.36
CA PRO E 159 23.38 16.65 17.10
C PRO E 159 22.66 15.32 17.36
N LEU E 160 21.46 15.20 16.78
CA LEU E 160 20.52 14.11 16.98
C LEU E 160 20.15 13.47 15.65
N PHE E 161 20.08 12.12 15.64
CA PHE E 161 19.74 11.34 14.46
C PHE E 161 18.78 10.25 14.89
N SER E 162 17.78 9.95 14.06
CA SER E 162 16.84 8.89 14.33
C SER E 162 16.41 8.20 13.03
N VAL E 163 16.36 6.88 13.05
CA VAL E 163 15.98 6.11 11.87
C VAL E 163 15.09 4.97 12.36
N CYS E 164 13.82 5.01 12.00
CA CYS E 164 12.80 4.09 12.50
C CYS E 164 12.24 3.11 11.48
N SER E 165 12.80 3.08 10.29
CA SER E 165 12.45 2.12 9.25
C SER E 165 13.71 1.72 8.51
N THR E 166 13.71 0.50 7.98
CA THR E 166 14.77 0.10 7.05
C THR E 166 14.52 0.79 5.71
N GLY E 167 15.50 0.71 4.85
CA GLY E 167 15.33 1.32 3.56
C GLY E 167 15.70 2.78 3.48
N THR E 168 16.28 3.35 4.55
CA THR E 168 16.74 4.73 4.51
C THR E 168 17.94 4.87 5.45
N TYR E 169 18.50 6.07 5.48
CA TYR E 169 19.72 6.30 6.23
C TYR E 169 19.89 7.79 6.49
N LEU E 170 20.80 8.08 7.42
CA LEU E 170 21.38 9.41 7.63
C LEU E 170 22.89 9.23 7.70
N ARG E 171 23.65 10.23 7.21
CA ARG E 171 25.10 10.16 7.28
C ARG E 171 25.70 11.54 7.42
N ILE E 172 26.52 11.73 8.45
CA ILE E 172 27.29 12.96 8.61
C ILE E 172 28.29 13.04 7.47
N TRP E 173 28.43 14.24 6.92
CA TRP E 173 29.39 14.47 5.86
C TRP E 173 30.09 15.79 6.16
N PRO E 174 31.42 15.86 6.03
CA PRO E 174 32.19 17.06 6.37
C PRO E 174 31.51 18.41 6.18
N ALA F 7 6.20 5.63 12.73
CA ALA F 7 7.09 6.65 13.27
C ALA F 7 6.96 6.77 14.79
N LEU F 8 6.24 5.82 15.39
CA LEU F 8 6.04 5.82 16.84
C LEU F 8 7.38 5.85 17.58
N PHE F 9 8.37 5.15 17.06
CA PHE F 9 9.63 4.99 17.75
C PHE F 9 10.68 6.01 17.33
N GLN F 10 10.33 6.99 16.49
CA GLN F 10 11.29 8.06 16.15
C GLN F 10 11.92 8.67 17.41
N NO3 G . 8.37 -2.34 -2.70
O1 NO3 G . 7.94 -2.76 -1.71
O2 NO3 G . 9.69 -1.90 -2.74
O3 NO3 G . 7.64 -2.28 -3.86
N NO3 H . 19.57 -15.48 6.73
O1 NO3 H . 19.14 -14.53 7.27
O2 NO3 H . 19.34 -16.72 7.30
O3 NO3 H . 20.26 -15.39 5.52
C1 GOL I . 0.23 -0.63 4.94
O1 GOL I . -0.20 0.04 3.79
C2 GOL I . 1.62 -0.12 5.31
O2 GOL I . 1.99 1.01 4.66
C3 GOL I . 1.58 0.04 6.82
O3 GOL I . 2.79 0.64 7.17
H11 GOL I . 0.27 -1.59 4.82
H12 GOL I . -0.37 -0.49 5.69
HO1 GOL I . -0.91 -0.33 3.53
H2 GOL I . 2.28 -0.78 5.03
H31 GOL I . 1.44 -0.82 7.23
H32 GOL I . 0.79 0.56 7.06
HO3 GOL I . 3.02 1.12 6.51
N NO3 J . -20.32 -17.43 -8.29
O1 NO3 J . -20.23 -17.94 -9.34
O2 NO3 J . -19.42 -17.76 -7.28
O3 NO3 J . -21.33 -16.52 -8.01
N NO3 K . -23.73 -15.17 -11.37
O1 NO3 K . -24.45 -14.38 -10.88
O2 NO3 K . -22.72 -15.73 -10.62
O3 NO3 K . -23.90 -15.57 -12.71
N NO3 L . -10.34 2.05 -3.15
O1 NO3 L . -11.47 2.35 -3.18
O2 NO3 L . -9.72 1.94 -1.91
O3 NO3 L . -9.63 1.81 -4.32
N NO3 M . -27.71 -5.04 0.49
O1 NO3 M . -26.86 -5.78 0.88
O2 NO3 M . -29.04 -5.38 0.59
O3 NO3 M . -27.40 -3.84 -0.08
C1 PEG N . -24.28 -2.64 -26.83
O1 PEG N . -25.05 -3.77 -26.83
C2 PEG N . -25.06 -1.54 -27.60
O2 PEG N . -24.81 -0.28 -27.05
C3 PEG N . -23.47 0.10 -26.94
C4 PEG N . -22.85 0.30 -28.33
O4 PEG N . -22.29 -0.92 -28.71
H11 PEG N . -23.33 -2.84 -27.31
H12 PEG N . -24.12 -2.31 -25.80
HO1 PEG N . -24.63 -4.44 -26.30
H21 PEG N . -26.12 -1.75 -27.56
H22 PEG N . -24.72 -1.54 -28.65
H31 PEG N . -23.40 1.03 -26.38
H32 PEG N . -22.91 -0.68 -26.42
H41 PEG N . -22.09 1.07 -28.30
H42 PEG N . -23.63 0.59 -29.04
HO4 PEG N . -21.92 -0.82 -29.59
N NO3 O . 6.55 8.25 28.73
O1 NO3 O . 5.80 7.34 28.66
O2 NO3 O . 7.25 8.48 29.92
O3 NO3 O . 6.75 9.06 27.63
C1 GOL P . 11.16 13.80 -2.50
O1 GOL P . 10.65 15.13 -2.51
C2 GOL P . 10.57 13.10 -1.27
O2 GOL P . 9.33 12.54 -1.50
C3 GOL P . 11.63 12.02 -0.89
O3 GOL P . 11.99 11.36 -2.08
H11 GOL P . 12.13 13.77 -2.45
H12 GOL P . 10.93 13.30 -3.29
HO1 GOL P . 9.80 15.06 -2.58
H2 GOL P . 10.45 13.75 -0.56
HO2 GOL P . 9.44 11.76 -1.81
H31 GOL P . 11.23 11.43 -0.23
H32 GOL P . 12.37 12.45 -0.45
HO3 GOL P . 12.46 10.69 -1.86
C1 GOL Q . 16.62 9.23 31.32
O1 GOL Q . 17.14 9.89 30.32
C2 GOL Q . 15.12 9.54 31.31
O2 GOL Q . 14.44 8.56 30.59
C3 GOL Q . 14.75 9.57 32.81
O3 GOL Q . 15.33 10.73 33.38
H11 GOL Q . 16.99 9.50 32.18
H12 GOL Q . 16.76 8.28 31.25
H2 GOL Q . 14.90 10.38 30.88
H31 GOL Q . 15.05 8.75 33.22
H32 GOL Q . 13.78 9.55 32.88
HO3 GOL Q . 14.71 11.19 33.71
C1 GOL R . 24.61 4.61 6.62
O1 GOL R . 26.02 4.78 6.47
C2 GOL R . 24.33 3.20 7.08
O2 GOL R . 24.59 2.25 6.09
C3 GOL R . 25.22 3.01 8.34
O3 GOL R . 24.91 1.76 8.88
H11 GOL R . 24.13 4.76 5.78
H12 GOL R . 24.23 5.23 7.26
HO1 GOL R . 26.14 5.42 5.92
H2 GOL R . 23.40 3.09 7.31
HO2 GOL R . 25.19 1.73 6.38
H31 GOL R . 25.06 3.74 8.95
H32 GOL R . 26.15 3.09 8.08
N NO3 S . 20.15 19.14 -1.29
O1 NO3 S . 20.10 20.16 -1.90
O2 NO3 S . 21.27 18.30 -1.41
O3 NO3 S . 19.12 18.79 -0.43
#